data_3QHA
#
_entry.id   3QHA
#
_cell.length_a   67.055
_cell.length_b   76.829
_cell.length_c   115.879
_cell.angle_alpha   90.000
_cell.angle_beta   90.000
_cell.angle_gamma   90.000
#
_symmetry.space_group_name_H-M   'P 21 21 21'
#
loop_
_entity.id
_entity.type
_entity.pdbx_description
1 polymer 'Putative oxidoreductase'
2 water water
#
_entity_poly.entity_id   1
_entity_poly.type   'polypeptide(L)'
_entity_poly.pdbx_seq_one_letter_code
;GPGSMTTNAAHTTEQLKLGYIGLGNMGAPMATRMTEWPGGVTVYDIRIEAMTPLAEAGATLADSVADVAAADLIHITVLD
DAQVREVVGELAGHAKPGTVIAIHSTISDTTAVELARDLKARDIHIVDAPVSGGAAAAARGELATMVGADREVYERIKPA
FKHWAAVVIHAGEPGAGTRMKLARNMLTFTSYAAACEAMKLAEAAGLDLQALGRVVRHTDALTGGPGAIMVRDNMKDLEP
DNFLYQPFLHTRGLGEKDLSLALALGEAVSVDLPLARLAYEGLAAGLGVPHKEKEA
;
_entity_poly.pdbx_strand_id   A,B
#
# COMPACT_ATOMS: atom_id res chain seq x y z
N GLN A 15 -27.64 -14.17 22.33
CA GLN A 15 -26.66 -13.25 21.70
C GLN A 15 -26.73 -11.85 22.29
N LEU A 16 -25.60 -11.17 22.21
CA LEU A 16 -25.45 -9.84 22.76
C LEU A 16 -26.38 -8.83 22.09
N LYS A 17 -27.14 -8.09 22.89
CA LYS A 17 -27.90 -6.94 22.42
C LYS A 17 -26.92 -5.79 22.26
N LEU A 18 -26.98 -5.12 21.12
CA LEU A 18 -26.00 -4.09 20.79
C LEU A 18 -26.53 -2.68 20.94
N GLY A 19 -25.64 -1.76 21.28
CA GLY A 19 -25.90 -0.33 21.26
C GLY A 19 -24.87 0.37 20.40
N TYR A 20 -25.25 1.50 19.80
CA TYR A 20 -24.32 2.30 19.03
C TYR A 20 -24.59 3.78 19.23
N ILE A 21 -23.56 4.52 19.64
CA ILE A 21 -23.65 5.96 19.82
C ILE A 21 -22.65 6.66 18.90
N GLY A 22 -23.15 7.55 18.05
CA GLY A 22 -22.33 8.27 17.06
C GLY A 22 -22.43 7.64 15.68
N LEU A 23 -23.25 8.23 14.83
CA LEU A 23 -23.52 7.66 13.49
C LEU A 23 -22.89 8.50 12.37
N GLY A 24 -21.62 8.84 12.54
CA GLY A 24 -20.88 9.63 11.55
C GLY A 24 -20.48 8.80 10.35
N ASN A 25 -19.41 9.20 9.68
CA ASN A 25 -19.03 8.58 8.40
C ASN A 25 -18.53 7.13 8.53
N MET A 26 -18.10 6.73 9.73
CA MET A 26 -17.80 5.31 10.04
C MET A 26 -18.86 4.68 10.96
N GLY A 27 -19.39 5.49 11.88
CA GLY A 27 -20.43 5.05 12.81
C GLY A 27 -21.69 4.52 12.14
N ALA A 28 -22.21 5.27 11.16
CA ALA A 28 -23.44 4.87 10.46
C ALA A 28 -23.32 3.49 9.79
N PRO A 29 -22.27 3.28 8.97
CA PRO A 29 -22.14 1.98 8.29
C PRO A 29 -21.90 0.77 9.21
N MET A 30 -21.08 0.92 10.25
CA MET A 30 -20.90 -0.17 11.24
C MET A 30 -22.25 -0.49 11.86
N ALA A 31 -22.97 0.55 12.26
CA ALA A 31 -24.31 0.40 12.84
C ALA A 31 -25.26 -0.29 11.87
N THR A 32 -25.18 0.09 10.60
CA THR A 32 -26.04 -0.52 9.57
C THR A 32 -25.77 -2.00 9.44
N ARG A 33 -24.49 -2.36 9.42
CA ARG A 33 -24.06 -3.77 9.39
C ARG A 33 -24.59 -4.51 10.64
N MET A 34 -24.63 -3.82 11.78
CA MET A 34 -25.11 -4.43 13.02
C MET A 34 -26.63 -4.66 13.05
N THR A 35 -27.38 -4.04 12.14
CA THR A 35 -28.81 -4.36 12.02
C THR A 35 -29.02 -5.80 11.51
N GLU A 36 -28.00 -6.37 10.87
CA GLU A 36 -28.03 -7.78 10.44
C GLU A 36 -27.69 -8.77 11.55
N TRP A 37 -27.19 -8.27 12.68
CA TRP A 37 -26.86 -9.09 13.85
C TRP A 37 -28.15 -9.53 14.53
N PRO A 38 -28.31 -10.84 14.79
CA PRO A 38 -29.60 -11.30 15.34
C PRO A 38 -29.95 -10.75 16.72
N GLY A 39 -28.95 -10.38 17.51
CA GLY A 39 -29.19 -9.69 18.78
C GLY A 39 -29.83 -8.32 18.60
N GLY A 40 -29.66 -7.72 17.42
CA GLY A 40 -30.25 -6.43 17.11
C GLY A 40 -29.41 -5.30 17.67
N VAL A 41 -29.69 -4.08 17.21
CA VAL A 41 -28.93 -2.91 17.64
C VAL A 41 -29.82 -1.72 17.93
N THR A 42 -29.52 -1.03 19.04
CA THR A 42 -30.20 0.20 19.41
C THR A 42 -29.22 1.35 19.19
N VAL A 43 -29.62 2.33 18.41
CA VAL A 43 -28.69 3.39 17.97
C VAL A 43 -29.06 4.76 18.52
N TYR A 44 -28.07 5.64 18.60
CA TYR A 44 -28.32 7.03 18.98
C TYR A 44 -27.34 8.00 18.32
N ASP A 45 -27.90 9.13 17.88
CA ASP A 45 -27.13 10.26 17.37
C ASP A 45 -28.03 11.49 17.41
N ILE A 46 -27.45 12.66 17.62
CA ILE A 46 -28.23 13.88 17.78
C ILE A 46 -28.85 14.42 16.47
N ARG A 47 -28.31 14.01 15.32
CA ARG A 47 -28.84 14.44 14.03
C ARG A 47 -29.93 13.49 13.53
N ILE A 48 -31.13 14.04 13.31
CA ILE A 48 -32.22 13.28 12.72
C ILE A 48 -32.01 13.25 11.21
N GLU A 49 -31.45 12.15 10.71
CA GLU A 49 -30.92 12.06 9.35
C GLU A 49 -29.73 11.13 9.34
N ALA A 50 -29.02 11.11 10.48
CA ALA A 50 -28.08 10.04 10.78
C ALA A 50 -28.86 8.83 11.28
N MET A 51 -29.91 9.09 12.06
CA MET A 51 -30.71 8.03 12.69
C MET A 51 -31.88 7.49 11.85
N THR A 52 -32.47 8.31 10.98
CA THR A 52 -33.60 7.88 10.17
C THR A 52 -33.27 6.65 9.30
N PRO A 53 -32.13 6.68 8.58
CA PRO A 53 -31.72 5.56 7.73
C PRO A 53 -31.48 4.25 8.50
N LEU A 54 -30.97 4.35 9.72
CA LEU A 54 -30.78 3.18 10.59
C LEU A 54 -32.13 2.59 11.00
N ALA A 55 -33.11 3.46 11.22
CA ALA A 55 -34.47 3.02 11.53
C ALA A 55 -35.03 2.24 10.34
N GLU A 56 -34.83 2.78 9.14
CA GLU A 56 -35.21 2.12 7.89
C GLU A 56 -34.52 0.76 7.72
N ALA A 57 -33.26 0.66 8.14
CA ALA A 57 -32.50 -0.59 8.09
C ALA A 57 -32.88 -1.57 9.20
N GLY A 58 -33.75 -1.13 10.12
CA GLY A 58 -34.29 -2.00 11.17
C GLY A 58 -33.64 -1.85 12.53
N ALA A 59 -32.97 -0.72 12.76
CA ALA A 59 -32.37 -0.43 14.06
C ALA A 59 -33.43 0.15 14.98
N THR A 60 -33.38 -0.21 16.26
CA THR A 60 -34.24 0.40 17.26
C THR A 60 -33.66 1.77 17.61
N LEU A 61 -34.49 2.81 17.53
CA LEU A 61 -34.04 4.16 17.83
C LEU A 61 -34.23 4.48 19.31
N ALA A 62 -33.17 4.96 19.95
CA ALA A 62 -33.21 5.31 21.37
C ALA A 62 -33.46 6.80 21.56
N ASP A 63 -34.04 7.15 22.70
CA ASP A 63 -34.36 8.54 23.05
C ASP A 63 -33.14 9.32 23.51
N SER A 64 -32.19 8.61 24.12
CA SER A 64 -31.05 9.24 24.77
C SER A 64 -29.89 8.27 24.91
N VAL A 65 -28.73 8.79 25.31
CA VAL A 65 -27.57 7.97 25.58
C VAL A 65 -27.86 6.99 26.71
N ALA A 66 -28.50 7.48 27.78
CA ALA A 66 -28.91 6.63 28.89
C ALA A 66 -29.82 5.48 28.46
N ASP A 67 -30.65 5.72 27.45
CA ASP A 67 -31.53 4.69 26.87
C ASP A 67 -30.74 3.50 26.30
N VAL A 68 -29.60 3.81 25.66
CA VAL A 68 -28.75 2.80 25.03
C VAL A 68 -28.01 1.93 26.05
N ALA A 69 -27.85 2.45 27.27
CA ALA A 69 -27.16 1.75 28.36
C ALA A 69 -27.71 0.36 28.70
N ALA A 70 -28.94 0.06 28.30
CA ALA A 70 -29.53 -1.26 28.54
C ALA A 70 -28.90 -2.38 27.69
N ALA A 71 -28.20 -2.02 26.63
CA ALA A 71 -27.51 -3.00 25.78
C ALA A 71 -26.36 -3.70 26.52
N ASP A 72 -25.96 -4.87 26.00
CA ASP A 72 -24.87 -5.66 26.59
C ASP A 72 -23.51 -5.17 26.10
N LEU A 73 -23.47 -4.73 24.85
CA LEU A 73 -22.25 -4.29 24.19
C LEU A 73 -22.58 -2.99 23.48
N ILE A 74 -21.98 -1.91 23.96
CA ILE A 74 -22.31 -0.57 23.50
C ILE A 74 -21.12 0.01 22.74
N HIS A 75 -21.36 0.38 21.47
CA HIS A 75 -20.32 0.92 20.60
C HIS A 75 -20.38 2.45 20.56
N ILE A 76 -19.20 3.07 20.54
CA ILE A 76 -19.08 4.53 20.57
C ILE A 76 -18.10 4.98 19.50
N THR A 77 -18.56 5.83 18.59
CA THR A 77 -17.70 6.50 17.61
C THR A 77 -18.06 7.99 17.58
N VAL A 78 -17.37 8.80 18.37
CA VAL A 78 -17.62 10.25 18.44
C VAL A 78 -16.34 11.05 18.14
N LEU A 79 -16.44 12.38 18.19
CA LEU A 79 -15.40 13.26 17.67
C LEU A 79 -14.01 13.08 18.31
N ASP A 80 -13.96 13.16 19.63
CA ASP A 80 -12.68 13.23 20.34
C ASP A 80 -12.78 12.62 21.74
N ASP A 81 -11.65 12.61 22.46
CA ASP A 81 -11.60 12.07 23.83
C ASP A 81 -12.66 12.70 24.74
N ALA A 82 -12.76 14.03 24.69
CA ALA A 82 -13.73 14.76 25.52
C ALA A 82 -15.15 14.21 25.36
N GLN A 83 -15.60 14.04 24.12
CA GLN A 83 -16.92 13.49 23.85
C GLN A 83 -17.07 12.04 24.31
N VAL A 84 -16.01 11.25 24.17
CA VAL A 84 -16.03 9.86 24.63
C VAL A 84 -16.22 9.79 26.14
N ARG A 85 -15.48 10.61 26.88
CA ARG A 85 -15.62 10.67 28.34
C ARG A 85 -17.04 11.05 28.71
N GLU A 86 -17.56 12.10 28.07
CA GLU A 86 -18.93 12.56 28.30
C GLU A 86 -19.94 11.42 28.10
N VAL A 87 -19.83 10.73 26.96
CA VAL A 87 -20.74 9.64 26.64
C VAL A 87 -20.57 8.46 27.61
N VAL A 88 -19.32 8.06 27.86
CA VAL A 88 -19.04 6.97 28.79
C VAL A 88 -19.58 7.29 30.19
N GLY A 89 -19.39 8.52 30.63
CA GLY A 89 -19.90 8.98 31.92
C GLY A 89 -21.42 8.87 32.04
N GLU A 90 -22.12 9.18 30.96
CA GLU A 90 -23.59 9.07 30.93
C GLU A 90 -24.05 7.62 30.92
N LEU A 91 -23.38 6.78 30.13
CA LEU A 91 -23.68 5.35 30.10
C LEU A 91 -23.41 4.68 31.46
N ALA A 92 -22.35 5.12 32.13
CA ALA A 92 -21.92 4.52 33.40
C ALA A 92 -22.98 4.63 34.51
N GLY A 93 -23.77 5.70 34.48
CA GLY A 93 -24.86 5.87 35.44
C GLY A 93 -25.94 4.80 35.35
N HIS A 94 -26.07 4.15 34.20
CA HIS A 94 -27.18 3.22 33.95
C HIS A 94 -26.79 1.79 33.55
N ALA A 95 -25.56 1.59 33.08
CA ALA A 95 -25.12 0.28 32.61
C ALA A 95 -25.15 -0.76 33.74
N LYS A 96 -25.72 -1.93 33.43
CA LYS A 96 -25.73 -3.06 34.37
C LYS A 96 -24.35 -3.71 34.43
N PRO A 97 -24.05 -4.43 35.54
CA PRO A 97 -22.77 -5.14 35.62
C PRO A 97 -22.58 -6.16 34.49
N GLY A 98 -21.39 -6.20 33.92
CA GLY A 98 -21.09 -7.09 32.79
C GLY A 98 -21.16 -6.41 31.43
N THR A 99 -21.70 -5.19 31.41
CA THR A 99 -21.83 -4.41 30.18
C THR A 99 -20.46 -4.05 29.61
N VAL A 100 -20.30 -4.20 28.30
CA VAL A 100 -19.06 -3.83 27.61
C VAL A 100 -19.26 -2.52 26.84
N ILE A 101 -18.24 -1.68 26.88
CA ILE A 101 -18.24 -0.43 26.12
C ILE A 101 -17.01 -0.38 25.23
N ALA A 102 -17.25 -0.38 23.91
CA ALA A 102 -16.19 -0.38 22.91
C ALA A 102 -16.06 0.98 22.26
N ILE A 103 -14.84 1.54 22.25
CA ILE A 103 -14.58 2.84 21.64
C ILE A 103 -13.82 2.64 20.33
N HIS A 104 -14.38 3.13 19.23
CA HIS A 104 -13.85 2.94 17.88
C HIS A 104 -13.26 4.18 17.25
N SER A 105 -13.55 5.35 17.81
CA SER A 105 -13.08 6.61 17.25
C SER A 105 -11.74 6.98 17.88
N THR A 106 -11.14 8.07 17.40
CA THR A 106 -9.78 8.45 17.78
C THR A 106 -9.69 8.94 19.22
N ILE A 107 -8.82 8.29 19.99
CA ILE A 107 -8.52 8.66 21.37
C ILE A 107 -7.04 8.45 21.67
N SER A 108 -6.54 9.12 22.70
CA SER A 108 -5.22 8.81 23.23
C SER A 108 -5.33 7.49 23.99
N ASP A 109 -4.26 6.69 23.97
CA ASP A 109 -4.31 5.37 24.60
C ASP A 109 -4.56 5.48 26.11
N THR A 110 -4.08 6.57 26.71
CA THR A 110 -4.29 6.83 28.14
C THR A 110 -5.76 7.04 28.51
N THR A 111 -6.57 7.53 27.56
CA THR A 111 -8.02 7.66 27.79
C THR A 111 -8.69 6.30 28.01
N ALA A 112 -8.28 5.32 27.21
CA ALA A 112 -8.79 3.95 27.34
C ALA A 112 -8.34 3.33 28.66
N VAL A 113 -7.06 3.51 28.99
CA VAL A 113 -6.53 2.97 30.25
C VAL A 113 -7.29 3.56 31.43
N GLU A 114 -7.53 4.87 31.36
CA GLU A 114 -8.17 5.64 32.42
C GLU A 114 -9.61 5.23 32.64
N LEU A 115 -10.39 5.22 31.56
CA LEU A 115 -11.81 4.90 31.64
C LEU A 115 -12.02 3.47 32.10
N ALA A 116 -11.25 2.53 31.54
CA ALA A 116 -11.31 1.12 31.95
C ALA A 116 -11.00 0.97 33.44
N ARG A 117 -9.98 1.69 33.88
CA ARG A 117 -9.52 1.65 35.26
C ARG A 117 -10.60 2.16 36.21
N ASP A 118 -11.25 3.26 35.82
CA ASP A 118 -12.29 3.88 36.67
C ASP A 118 -13.58 3.08 36.75
N LEU A 119 -13.87 2.27 35.73
CA LEU A 119 -15.16 1.57 35.64
C LEU A 119 -15.09 0.07 35.99
N LYS A 120 -13.87 -0.46 36.12
CA LYS A 120 -13.66 -1.88 36.39
C LYS A 120 -14.34 -2.39 37.66
N ALA A 121 -14.32 -1.59 38.73
CA ALA A 121 -14.86 -1.98 40.03
C ALA A 121 -16.38 -2.17 40.00
N ARG A 122 -17.04 -1.54 39.04
CA ARG A 122 -18.48 -1.72 38.84
C ARG A 122 -18.80 -2.69 37.71
N ASP A 123 -17.80 -3.46 37.28
CA ASP A 123 -18.02 -4.53 36.31
C ASP A 123 -18.43 -3.97 34.93
N ILE A 124 -18.02 -2.73 34.66
CA ILE A 124 -18.32 -2.09 33.37
C ILE A 124 -17.01 -2.06 32.59
N HIS A 125 -16.96 -2.86 31.53
CA HIS A 125 -15.70 -3.14 30.85
C HIS A 125 -15.47 -2.23 29.66
N ILE A 126 -14.46 -1.38 29.78
CA ILE A 126 -14.07 -0.49 28.69
C ILE A 126 -13.10 -1.21 27.79
N VAL A 127 -13.33 -1.06 26.48
CA VAL A 127 -12.52 -1.68 25.46
C VAL A 127 -12.24 -0.65 24.39
N ASP A 128 -10.98 -0.45 24.02
CA ASP A 128 -10.64 0.39 22.87
C ASP A 128 -10.46 -0.50 21.64
N ALA A 129 -11.26 -0.21 20.61
CA ALA A 129 -11.35 -1.07 19.43
C ALA A 129 -11.36 -0.24 18.15
N PRO A 130 -10.28 0.53 17.91
CA PRO A 130 -10.19 1.29 16.66
C PRO A 130 -10.27 0.38 15.45
N VAL A 131 -10.70 0.94 14.32
CA VAL A 131 -10.93 0.15 13.12
C VAL A 131 -10.14 0.68 11.93
N SER A 132 -10.04 -0.18 10.92
CA SER A 132 -9.38 0.12 9.66
C SER A 132 -9.90 -0.94 8.65
N GLY A 133 -10.10 -0.62 7.37
CA GLY A 133 -10.17 0.73 6.84
C GLY A 133 -11.36 0.84 5.87
N GLY A 134 -12.23 1.80 6.14
CA GLY A 134 -13.18 2.28 5.13
C GLY A 134 -14.65 2.06 5.44
N ALA A 135 -15.46 3.05 5.06
CA ALA A 135 -16.91 2.99 5.20
C ALA A 135 -17.53 1.79 4.48
N ALA A 136 -17.11 1.58 3.23
CA ALA A 136 -17.63 0.46 2.42
C ALA A 136 -17.40 -0.88 3.11
N ALA A 137 -16.19 -1.09 3.60
CA ALA A 137 -15.84 -2.29 4.36
C ALA A 137 -16.69 -2.42 5.62
N ALA A 138 -16.92 -1.29 6.29
CA ALA A 138 -17.80 -1.27 7.46
C ALA A 138 -19.19 -1.81 7.11
N ALA A 139 -19.76 -1.30 6.02
CA ALA A 139 -21.08 -1.75 5.55
C ALA A 139 -21.15 -3.25 5.32
N ARG A 140 -20.07 -3.82 4.79
CA ARG A 140 -20.01 -5.25 4.46
C ARG A 140 -19.49 -6.13 5.59
N GLY A 141 -19.01 -5.51 6.66
CA GLY A 141 -18.45 -6.25 7.78
C GLY A 141 -17.06 -6.81 7.51
N GLU A 142 -16.24 -6.06 6.77
CA GLU A 142 -14.90 -6.50 6.39
C GLU A 142 -13.78 -5.71 7.06
N LEU A 143 -14.12 -4.96 8.11
CA LEU A 143 -13.13 -4.14 8.81
C LEU A 143 -12.10 -5.01 9.52
N ALA A 144 -10.94 -4.40 9.77
CA ALA A 144 -9.99 -4.88 10.76
C ALA A 144 -10.22 -4.06 12.02
N THR A 145 -10.18 -4.71 13.17
CA THR A 145 -10.24 -3.99 14.44
C THR A 145 -9.14 -4.50 15.38
N MET A 146 -8.54 -3.55 16.10
CA MET A 146 -7.44 -3.84 16.99
C MET A 146 -7.92 -3.51 18.39
N VAL A 147 -8.02 -4.53 19.24
CA VAL A 147 -8.78 -4.42 20.49
C VAL A 147 -7.91 -4.51 21.74
N GLY A 148 -8.07 -3.54 22.62
CA GLY A 148 -7.48 -3.59 23.97
C GLY A 148 -8.55 -3.96 24.98
N ALA A 149 -8.34 -5.06 25.69
CA ALA A 149 -9.35 -5.56 26.63
C ALA A 149 -8.76 -6.61 27.58
N ASP A 150 -9.47 -6.86 28.68
CA ASP A 150 -9.25 -8.04 29.50
C ASP A 150 -9.50 -9.25 28.61
N ARG A 151 -8.67 -10.29 28.75
CA ARG A 151 -8.81 -11.50 27.93
C ARG A 151 -10.22 -12.08 28.01
N GLU A 152 -10.77 -12.12 29.22
CA GLU A 152 -12.11 -12.64 29.47
C GLU A 152 -13.15 -11.85 28.68
N VAL A 153 -13.03 -10.53 28.72
CA VAL A 153 -13.93 -9.62 28.01
C VAL A 153 -13.79 -9.77 26.49
N TYR A 154 -12.54 -9.86 26.03
CA TYR A 154 -12.27 -10.07 24.61
C TYR A 154 -12.94 -11.34 24.08
N GLU A 155 -12.90 -12.41 24.86
CA GLU A 155 -13.46 -13.70 24.44
C GLU A 155 -14.98 -13.67 24.31
N ARG A 156 -15.65 -12.98 25.23
CA ARG A 156 -17.11 -12.85 25.20
C ARG A 156 -17.62 -12.01 24.03
N ILE A 157 -16.85 -11.00 23.62
CA ILE A 157 -17.29 -10.09 22.55
C ILE A 157 -16.75 -10.42 21.17
N LYS A 158 -15.82 -11.38 21.07
CA LYS A 158 -15.21 -11.71 19.78
C LYS A 158 -16.25 -12.11 18.73
N PRO A 159 -17.20 -13.01 19.09
CA PRO A 159 -18.21 -13.39 18.11
C PRO A 159 -19.00 -12.18 17.60
N ALA A 160 -19.38 -11.27 18.48
CA ALA A 160 -20.07 -10.05 18.08
C ALA A 160 -19.20 -9.20 17.17
N PHE A 161 -17.93 -9.04 17.53
CA PHE A 161 -16.98 -8.29 16.70
C PHE A 161 -16.79 -8.91 15.33
N LYS A 162 -16.74 -10.24 15.29
CA LYS A 162 -16.51 -10.97 14.04
C LYS A 162 -17.65 -10.80 13.02
N HIS A 163 -18.83 -10.37 13.50
CA HIS A 163 -19.96 -10.06 12.61
C HIS A 163 -19.68 -8.85 11.69
N TRP A 164 -18.96 -7.85 12.20
CA TRP A 164 -18.67 -6.63 11.42
C TRP A 164 -17.18 -6.45 11.08
N ALA A 165 -16.33 -7.31 11.62
CA ALA A 165 -14.89 -7.28 11.32
C ALA A 165 -14.43 -8.63 10.78
N ALA A 166 -13.73 -8.61 9.65
CA ALA A 166 -13.12 -9.82 9.08
C ALA A 166 -11.85 -10.17 9.85
N VAL A 167 -11.17 -9.15 10.38
CA VAL A 167 -9.96 -9.37 11.18
C VAL A 167 -10.13 -8.75 12.56
N VAL A 168 -10.07 -9.58 13.59
CA VAL A 168 -10.18 -9.13 14.97
C VAL A 168 -8.92 -9.53 15.72
N ILE A 169 -8.16 -8.52 16.12
CA ILE A 169 -6.91 -8.72 16.86
C ILE A 169 -7.10 -8.33 18.33
N HIS A 170 -6.65 -9.21 19.22
CA HIS A 170 -6.52 -8.87 20.63
C HIS A 170 -5.14 -8.23 20.81
N ALA A 171 -5.10 -6.91 20.87
CA ALA A 171 -3.84 -6.16 20.88
C ALA A 171 -3.15 -6.21 22.24
N GLY A 172 -3.93 -6.43 23.30
CA GLY A 172 -3.41 -6.42 24.68
C GLY A 172 -4.46 -5.88 25.62
N GLU A 173 -4.02 -5.24 26.71
CA GLU A 173 -4.92 -4.63 27.68
C GLU A 173 -5.49 -3.33 27.12
N PRO A 174 -6.49 -2.74 27.79
CA PRO A 174 -7.05 -1.48 27.27
C PRO A 174 -5.98 -0.41 27.06
N GLY A 175 -5.97 0.20 25.89
CA GLY A 175 -4.89 1.08 25.45
C GLY A 175 -4.07 0.47 24.32
N ALA A 176 -3.89 -0.85 24.35
CA ALA A 176 -3.07 -1.54 23.35
C ALA A 176 -3.68 -1.45 21.95
N GLY A 177 -5.00 -1.52 21.87
CA GLY A 177 -5.72 -1.35 20.60
C GLY A 177 -5.35 -0.03 19.94
N THR A 178 -5.48 1.05 20.71
CA THR A 178 -5.10 2.39 20.24
C THR A 178 -3.65 2.44 19.79
N ARG A 179 -2.75 1.85 20.57
CA ARG A 179 -1.33 1.86 20.24
C ARG A 179 -1.05 1.12 18.92
N MET A 180 -1.73 0.00 18.69
CA MET A 180 -1.57 -0.73 17.43
C MET A 180 -2.12 0.10 16.26
N LYS A 181 -3.26 0.75 16.49
CA LYS A 181 -3.83 1.65 15.48
C LYS A 181 -2.87 2.80 15.14
N LEU A 182 -2.16 3.32 16.13
CA LEU A 182 -1.24 4.44 15.90
C LEU A 182 -0.03 4.02 15.06
N ALA A 183 0.47 2.81 15.29
CA ALA A 183 1.52 2.25 14.46
C ALA A 183 1.00 2.04 13.03
N ARG A 184 -0.19 1.43 12.91
CA ARG A 184 -0.75 1.14 11.60
C ARG A 184 -0.97 2.43 10.80
N ASN A 185 -1.61 3.41 11.42
CA ASN A 185 -1.94 4.66 10.73
C ASN A 185 -0.76 5.59 10.49
N MET A 186 0.30 5.46 11.29
CA MET A 186 1.53 6.19 11.01
C MET A 186 2.09 5.75 9.67
N LEU A 187 2.03 4.44 9.41
CA LEU A 187 2.39 3.90 8.10
C LEU A 187 1.49 4.47 7.01
N THR A 188 0.17 4.40 7.21
CA THR A 188 -0.78 4.91 6.22
C THR A 188 -0.44 6.33 5.80
N PHE A 189 -0.34 7.23 6.78
CA PHE A 189 -0.19 8.65 6.46
C PHE A 189 1.22 9.04 6.03
N THR A 190 2.24 8.32 6.50
CA THR A 190 3.60 8.51 6.00
C THR A 190 3.69 8.09 4.54
N SER A 191 2.97 7.03 4.17
CA SER A 191 2.99 6.56 2.79
C SER A 191 2.15 7.46 1.88
N TYR A 192 1.12 8.11 2.44
CA TYR A 192 0.39 9.14 1.69
C TYR A 192 1.30 10.34 1.40
N ALA A 193 2.10 10.75 2.38
CA ALA A 193 3.09 11.80 2.17
C ALA A 193 4.10 11.38 1.09
N ALA A 194 4.54 10.13 1.15
CA ALA A 194 5.46 9.56 0.15
C ALA A 194 4.83 9.54 -1.24
N ALA A 195 3.56 9.15 -1.33
CA ALA A 195 2.82 9.15 -2.59
C ALA A 195 2.80 10.55 -3.23
N CYS A 196 2.52 11.57 -2.43
CA CYS A 196 2.49 12.95 -2.93
C CYS A 196 3.87 13.40 -3.42
N GLU A 197 4.92 13.00 -2.71
CA GLU A 197 6.29 13.22 -3.16
C GLU A 197 6.55 12.54 -4.52
N ALA A 198 6.08 11.31 -4.69
CA ALA A 198 6.22 10.61 -5.98
C ALA A 198 5.51 11.35 -7.11
N MET A 199 4.36 11.94 -6.79
CA MET A 199 3.56 12.70 -7.76
C MET A 199 4.25 14.01 -8.17
N LYS A 200 4.89 14.68 -7.21
CA LYS A 200 5.64 15.89 -7.50
C LYS A 200 6.79 15.59 -8.46
N LEU A 201 7.47 14.46 -8.24
CA LEU A 201 8.57 14.04 -9.11
C LEU A 201 8.08 13.69 -10.51
N ALA A 202 7.02 12.88 -10.57
CA ALA A 202 6.38 12.51 -11.83
C ALA A 202 5.99 13.73 -12.67
N GLU A 203 5.40 14.73 -12.02
CA GLU A 203 4.94 15.95 -12.70
C GLU A 203 6.10 16.75 -13.27
N ALA A 204 7.16 16.90 -12.48
CA ALA A 204 8.37 17.57 -12.92
C ALA A 204 9.05 16.81 -14.09
N ALA A 205 8.78 15.50 -14.16
CA ALA A 205 9.27 14.68 -15.27
C ALA A 205 8.33 14.68 -16.48
N GLY A 206 7.22 15.42 -16.39
CA GLY A 206 6.29 15.56 -17.51
C GLY A 206 5.38 14.36 -17.71
N LEU A 207 5.13 13.61 -16.64
CA LEU A 207 4.37 12.35 -16.71
C LEU A 207 2.90 12.53 -16.30
N ASP A 208 2.07 11.58 -16.73
CA ASP A 208 0.66 11.54 -16.37
C ASP A 208 0.53 10.96 -14.96
N LEU A 209 0.10 11.79 -14.00
CA LEU A 209 0.02 11.37 -12.59
C LEU A 209 -1.09 10.36 -12.34
N GLN A 210 -2.18 10.49 -13.09
CA GLN A 210 -3.32 9.59 -12.96
C GLN A 210 -2.97 8.18 -13.45
N ALA A 211 -2.12 8.11 -14.47
CA ALA A 211 -1.64 6.84 -14.99
C ALA A 211 -0.73 6.18 -13.95
N LEU A 212 0.17 6.97 -13.36
CA LEU A 212 1.04 6.50 -12.28
C LEU A 212 0.19 5.92 -11.15
N GLY A 213 -0.83 6.68 -10.73
CA GLY A 213 -1.76 6.24 -9.70
C GLY A 213 -2.41 4.90 -10.01
N ARG A 214 -2.81 4.71 -11.27
CA ARG A 214 -3.37 3.43 -11.71
C ARG A 214 -2.38 2.28 -11.59
N VAL A 215 -1.11 2.53 -11.93
CA VAL A 215 -0.07 1.51 -11.83
C VAL A 215 0.15 1.11 -10.37
N VAL A 216 0.26 2.12 -9.50
CA VAL A 216 0.47 1.89 -8.07
C VAL A 216 -0.64 1.05 -7.45
N ARG A 217 -1.88 1.44 -7.69
CA ARG A 217 -3.03 0.74 -7.12
C ARG A 217 -3.17 -0.69 -7.66
N HIS A 218 -2.97 -0.87 -8.96
CA HIS A 218 -3.02 -2.20 -9.57
C HIS A 218 -1.94 -3.12 -8.99
N THR A 219 -0.71 -2.62 -8.90
CA THR A 219 0.41 -3.44 -8.48
C THR A 219 0.38 -3.76 -6.98
N ASP A 220 -0.13 -2.83 -6.17
CA ASP A 220 -0.30 -3.07 -4.73
C ASP A 220 -1.40 -4.08 -4.42
N ALA A 221 -2.40 -4.20 -5.31
CA ALA A 221 -3.40 -5.26 -5.19
C ALA A 221 -2.77 -6.62 -5.54
N LEU A 222 -1.82 -6.62 -6.46
CA LEU A 222 -1.08 -7.84 -6.80
C LEU A 222 -0.11 -8.23 -5.69
N THR A 223 0.66 -7.25 -5.18
CA THR A 223 1.76 -7.53 -4.24
C THR A 223 1.39 -7.43 -2.76
N GLY A 224 0.30 -6.72 -2.46
CA GLY A 224 -0.15 -6.55 -1.07
C GLY A 224 0.13 -5.18 -0.49
N GLY A 225 1.08 -4.45 -1.07
CA GLY A 225 1.40 -3.10 -0.62
C GLY A 225 2.53 -3.05 0.40
N PRO A 226 2.64 -1.93 1.14
CA PRO A 226 3.69 -1.75 2.15
C PRO A 226 3.80 -2.91 3.15
N GLY A 227 2.67 -3.51 3.49
CA GLY A 227 2.62 -4.67 4.37
C GLY A 227 3.41 -5.88 3.89
N ALA A 228 3.75 -5.91 2.60
CA ALA A 228 4.58 -6.95 2.02
C ALA A 228 5.93 -7.10 2.71
N ILE A 229 6.48 -6.02 3.25
CA ILE A 229 7.79 -6.06 3.91
C ILE A 229 7.69 -6.44 5.39
N MET A 230 6.46 -6.53 5.91
CA MET A 230 6.20 -6.80 7.32
C MET A 230 6.05 -8.29 7.55
N VAL A 231 7.18 -8.99 7.46
CA VAL A 231 7.22 -10.45 7.56
C VAL A 231 8.28 -10.89 8.58
N ARG A 232 8.55 -10.03 9.56
CA ARG A 232 9.49 -10.31 10.65
C ARG A 232 8.76 -10.20 11.98
N ASP A 233 9.05 -11.09 12.93
CA ASP A 233 8.35 -11.08 14.21
C ASP A 233 9.08 -10.32 15.32
N ASN A 234 10.33 -9.91 15.04
CA ASN A 234 11.00 -8.89 15.83
C ASN A 234 11.93 -8.06 14.94
N MET A 235 12.52 -7.01 15.52
CA MET A 235 13.37 -6.10 14.77
C MET A 235 14.87 -6.35 14.95
N LYS A 236 15.25 -7.55 15.41
CA LYS A 236 16.67 -7.92 15.47
C LYS A 236 17.25 -7.94 14.06
N ASP A 237 18.52 -7.58 13.94
CA ASP A 237 19.23 -7.69 12.67
C ASP A 237 19.22 -9.16 12.23
N LEU A 238 19.02 -9.39 10.93
CA LEU A 238 18.96 -10.76 10.40
C LEU A 238 20.37 -11.34 10.30
N GLU A 239 20.48 -12.64 10.57
CA GLU A 239 21.77 -13.33 10.47
C GLU A 239 21.76 -14.31 9.30
N PRO A 240 22.94 -14.66 8.76
CA PRO A 240 23.07 -15.49 7.55
C PRO A 240 22.35 -16.84 7.58
N ASP A 241 22.18 -17.41 8.77
CA ASP A 241 21.43 -18.65 8.93
C ASP A 241 19.91 -18.48 8.76
N ASN A 242 19.43 -17.24 8.78
CA ASN A 242 18.00 -16.96 8.56
C ASN A 242 17.68 -17.08 7.08
N PHE A 243 16.63 -17.85 6.74
CA PHE A 243 16.18 -17.98 5.34
C PHE A 243 15.75 -16.64 4.75
N LEU A 244 15.37 -15.69 5.62
CA LEU A 244 14.95 -14.36 5.18
C LEU A 244 16.14 -13.46 4.82
N TYR A 245 17.34 -13.87 5.21
CA TYR A 245 18.53 -13.03 5.10
C TYR A 245 18.89 -12.64 3.66
N GLN A 246 19.21 -13.61 2.81
CA GLN A 246 19.60 -13.31 1.43
C GLN A 246 18.52 -12.57 0.64
N PRO A 247 17.25 -12.97 0.79
CA PRO A 247 16.17 -12.21 0.13
C PRO A 247 16.05 -10.75 0.57
N PHE A 248 16.27 -10.47 1.85
CA PHE A 248 16.23 -9.08 2.36
C PHE A 248 17.47 -8.30 1.94
N LEU A 249 18.61 -8.99 1.90
CA LEU A 249 19.82 -8.42 1.33
C LEU A 249 19.58 -8.03 -0.12
N HIS A 250 18.88 -8.90 -0.85
CA HIS A 250 18.53 -8.65 -2.25
C HIS A 250 17.65 -7.42 -2.37
N THR A 251 16.58 -7.37 -1.57
CA THR A 251 15.65 -6.24 -1.58
C THR A 251 16.32 -4.93 -1.17
N ARG A 252 17.28 -4.99 -0.25
CA ARG A 252 18.07 -3.82 0.13
C ARG A 252 18.84 -3.26 -1.07
N GLY A 253 19.43 -4.16 -1.86
CA GLY A 253 20.16 -3.76 -3.06
C GLY A 253 19.25 -3.08 -4.07
N LEU A 254 18.11 -3.70 -4.32
CA LEU A 254 17.09 -3.15 -5.21
C LEU A 254 16.62 -1.78 -4.72
N GLY A 255 16.28 -1.71 -3.42
CA GLY A 255 15.76 -0.50 -2.82
C GLY A 255 16.73 0.67 -2.87
N GLU A 256 17.99 0.38 -2.56
CA GLU A 256 19.04 1.39 -2.61
C GLU A 256 19.33 1.85 -4.04
N LYS A 257 19.28 0.92 -4.99
CA LYS A 257 19.48 1.27 -6.41
C LYS A 257 18.36 2.18 -6.91
N ASP A 258 17.11 1.75 -6.74
CA ASP A 258 15.96 2.51 -7.24
C ASP A 258 15.83 3.88 -6.56
N LEU A 259 16.07 3.92 -5.24
CA LEU A 259 16.03 5.18 -4.51
C LEU A 259 17.11 6.14 -4.98
N SER A 260 18.33 5.66 -5.20
CA SER A 260 19.40 6.53 -5.71
C SER A 260 19.08 7.01 -7.12
N LEU A 261 18.56 6.12 -7.97
CA LEU A 261 18.12 6.52 -9.31
C LEU A 261 17.03 7.60 -9.26
N ALA A 262 16.09 7.46 -8.33
CA ALA A 262 15.00 8.44 -8.18
C ALA A 262 15.52 9.78 -7.68
N LEU A 263 16.42 9.74 -6.69
CA LEU A 263 17.06 10.93 -6.15
C LEU A 263 17.88 11.69 -7.21
N ALA A 264 18.52 10.94 -8.11
CA ALA A 264 19.25 11.55 -9.22
C ALA A 264 18.29 12.22 -10.22
N LEU A 265 17.16 11.57 -10.49
CA LEU A 265 16.11 12.18 -11.31
C LEU A 265 15.60 13.44 -10.66
N GLY A 266 15.33 13.37 -9.35
CA GLY A 266 14.88 14.53 -8.58
C GLY A 266 15.78 15.73 -8.78
N GLU A 267 17.08 15.50 -8.69
CA GLU A 267 18.08 16.55 -8.90
C GLU A 267 18.09 17.02 -10.35
N ALA A 268 17.87 16.09 -11.28
CA ALA A 268 17.82 16.42 -12.72
C ALA A 268 16.61 17.30 -13.10
N VAL A 269 15.48 17.10 -12.43
CA VAL A 269 14.26 17.87 -12.73
C VAL A 269 13.93 18.89 -11.65
N SER A 270 14.91 19.20 -10.79
CA SER A 270 14.81 20.24 -9.77
C SER A 270 13.66 20.05 -8.78
N VAL A 271 13.57 18.84 -8.22
CA VAL A 271 12.59 18.52 -7.17
C VAL A 271 13.27 17.97 -5.93
N ASP A 272 12.92 18.53 -4.78
CA ASP A 272 13.41 18.10 -3.48
C ASP A 272 12.64 16.84 -3.07
N LEU A 273 13.38 15.81 -2.63
CA LEU A 273 12.80 14.50 -2.30
C LEU A 273 13.23 14.03 -0.91
N PRO A 274 12.80 14.74 0.14
CA PRO A 274 13.34 14.48 1.48
C PRO A 274 12.89 13.16 2.12
N LEU A 275 11.69 12.68 1.83
CA LEU A 275 11.25 11.37 2.35
C LEU A 275 12.06 10.26 1.70
N ALA A 276 12.21 10.31 0.38
CA ALA A 276 13.03 9.36 -0.35
C ALA A 276 14.48 9.35 0.16
N ARG A 277 15.01 10.53 0.44
CA ARG A 277 16.38 10.71 0.90
C ARG A 277 16.58 10.05 2.27
N LEU A 278 15.67 10.33 3.19
CA LEU A 278 15.65 9.70 4.51
C LEU A 278 15.54 8.18 4.38
N ALA A 279 14.61 7.72 3.55
CA ALA A 279 14.42 6.29 3.29
C ALA A 279 15.70 5.65 2.75
N TYR A 280 16.33 6.30 1.79
CA TYR A 280 17.58 5.81 1.20
C TYR A 280 18.64 5.59 2.27
N GLU A 281 18.78 6.54 3.18
CA GLU A 281 19.78 6.46 4.24
C GLU A 281 19.43 5.40 5.30
N GLY A 282 18.14 5.19 5.53
CA GLY A 282 17.68 4.33 6.63
C GLY A 282 17.21 2.94 6.26
N LEU A 283 17.02 2.66 4.98
CA LEU A 283 16.36 1.41 4.54
C LEU A 283 17.05 0.16 5.06
N ALA A 284 18.38 0.11 4.91
CA ALA A 284 19.15 -1.07 5.28
C ALA A 284 18.95 -1.41 6.76
N ALA A 285 19.09 -0.41 7.62
CA ALA A 285 18.93 -0.58 9.06
C ALA A 285 17.50 -0.99 9.43
N GLY A 286 16.51 -0.43 8.72
CA GLY A 286 15.10 -0.76 8.94
C GLY A 286 14.74 -2.19 8.57
N LEU A 287 15.39 -2.70 7.52
CA LEU A 287 15.15 -4.05 7.05
C LEU A 287 15.85 -5.12 7.91
N GLY A 288 16.76 -4.68 8.78
CA GLY A 288 17.54 -5.60 9.60
C GLY A 288 18.77 -6.15 8.88
N VAL A 289 19.19 -5.46 7.83
CA VAL A 289 20.37 -5.84 7.06
C VAL A 289 21.23 -4.61 6.81
N PRO A 290 21.74 -4.00 7.90
CA PRO A 290 22.59 -2.82 7.75
C PRO A 290 23.94 -3.18 7.17
N HIS A 291 24.60 -2.17 6.61
CA HIS A 291 25.89 -2.33 5.96
C HIS A 291 27.00 -2.57 6.98
N GLN B 15 0.31 -12.06 -33.72
CA GLN B 15 1.00 -12.35 -35.01
C GLN B 15 2.51 -12.17 -34.89
N LEU B 16 2.93 -11.10 -34.23
CA LEU B 16 4.36 -10.83 -34.00
C LEU B 16 5.07 -12.03 -33.38
N LYS B 17 6.21 -12.41 -33.97
CA LYS B 17 7.06 -13.45 -33.38
C LYS B 17 7.86 -12.85 -32.23
N LEU B 18 7.89 -13.55 -31.10
CA LEU B 18 8.47 -13.03 -29.87
C LEU B 18 9.85 -13.61 -29.56
N GLY B 19 10.69 -12.79 -28.94
CA GLY B 19 11.97 -13.23 -28.41
C GLY B 19 12.11 -12.80 -26.96
N TYR B 20 12.76 -13.63 -26.15
CA TYR B 20 13.00 -13.28 -24.75
C TYR B 20 14.43 -13.63 -24.32
N ILE B 21 15.14 -12.63 -23.83
CA ILE B 21 16.51 -12.82 -23.34
C ILE B 21 16.55 -12.53 -21.83
N GLY B 22 16.97 -13.53 -21.05
CA GLY B 22 17.02 -13.44 -19.60
C GLY B 22 15.83 -14.13 -18.94
N LEU B 23 16.07 -15.34 -18.41
CA LEU B 23 15.01 -16.17 -17.82
C LEU B 23 15.20 -16.30 -16.31
N GLY B 24 15.40 -15.17 -15.63
CA GLY B 24 15.53 -15.14 -14.18
C GLY B 24 14.18 -15.16 -13.49
N ASN B 25 14.12 -14.64 -12.27
CA ASN B 25 12.91 -14.72 -11.46
C ASN B 25 11.72 -13.89 -11.98
N MET B 26 12.00 -12.91 -12.85
CA MET B 26 10.93 -12.18 -13.55
C MET B 26 10.85 -12.55 -15.03
N GLY B 27 12.00 -12.73 -15.67
CA GLY B 27 12.05 -13.09 -17.09
C GLY B 27 11.38 -14.42 -17.42
N ALA B 28 11.58 -15.40 -16.56
CA ALA B 28 11.04 -16.75 -16.78
C ALA B 28 9.52 -16.83 -16.77
N PRO B 29 8.87 -16.28 -15.72
CA PRO B 29 7.39 -16.28 -15.69
C PRO B 29 6.76 -15.44 -16.81
N MET B 30 7.37 -14.30 -17.13
CA MET B 30 6.95 -13.52 -18.31
C MET B 30 7.03 -14.34 -19.58
N ALA B 31 8.21 -14.91 -19.84
CA ALA B 31 8.43 -15.70 -21.06
C ALA B 31 7.52 -16.93 -21.08
N THR B 32 7.24 -17.48 -19.90
CA THR B 32 6.32 -18.61 -19.77
C THR B 32 4.89 -18.21 -20.17
N ARG B 33 4.46 -17.01 -19.76
CA ARG B 33 3.17 -16.48 -20.17
C ARG B 33 3.11 -16.32 -21.70
N MET B 34 4.23 -15.90 -22.29
CA MET B 34 4.33 -15.70 -23.74
C MET B 34 4.27 -16.99 -24.57
N THR B 35 4.42 -18.17 -23.95
CA THR B 35 4.24 -19.43 -24.69
C THR B 35 2.78 -19.61 -25.14
N GLU B 36 1.88 -18.87 -24.50
CA GLU B 36 0.45 -18.89 -24.83
C GLU B 36 0.07 -17.88 -25.93
N TRP B 37 1.00 -16.96 -26.25
CA TRP B 37 0.82 -16.03 -27.36
C TRP B 37 0.84 -16.81 -28.68
N PRO B 38 -0.12 -16.52 -29.60
CA PRO B 38 -0.15 -17.24 -30.87
C PRO B 38 1.13 -17.12 -31.70
N GLY B 39 1.79 -15.97 -31.62
CA GLY B 39 3.09 -15.79 -32.27
C GLY B 39 4.18 -16.75 -31.79
N GLY B 40 4.01 -17.31 -30.59
CA GLY B 40 5.02 -18.15 -29.98
C GLY B 40 6.19 -17.31 -29.47
N VAL B 41 7.03 -17.91 -28.64
CA VAL B 41 8.21 -17.22 -28.12
C VAL B 41 9.47 -18.07 -28.27
N THR B 42 10.58 -17.40 -28.60
CA THR B 42 11.90 -18.02 -28.68
C THR B 42 12.74 -17.43 -27.56
N VAL B 43 13.34 -18.30 -26.75
CA VAL B 43 14.01 -17.85 -25.54
C VAL B 43 15.49 -18.15 -25.56
N TYR B 44 16.24 -17.34 -24.80
CA TYR B 44 17.64 -17.62 -24.56
C TYR B 44 18.09 -17.16 -23.18
N ASP B 45 18.82 -18.05 -22.51
CA ASP B 45 19.53 -17.73 -21.28
C ASP B 45 20.75 -18.63 -21.24
N ILE B 46 21.88 -18.10 -20.78
CA ILE B 46 23.14 -18.87 -20.77
C ILE B 46 23.06 -20.09 -19.84
N ARG B 47 22.19 -20.01 -18.84
CA ARG B 47 21.98 -21.10 -17.90
C ARG B 47 20.99 -22.14 -18.43
N ILE B 48 21.46 -23.37 -18.63
CA ILE B 48 20.63 -24.46 -19.13
C ILE B 48 19.41 -24.72 -18.23
N GLU B 49 19.61 -24.66 -16.91
CA GLU B 49 18.50 -24.91 -15.97
C GLU B 49 17.41 -23.85 -16.02
N ALA B 50 17.73 -22.67 -16.56
CA ALA B 50 16.72 -21.65 -16.83
C ALA B 50 15.94 -21.96 -18.10
N MET B 51 16.62 -22.56 -19.08
CA MET B 51 16.03 -22.85 -20.40
C MET B 51 15.03 -24.00 -20.39
N THR B 52 15.36 -25.08 -19.67
CA THR B 52 14.61 -26.33 -19.77
C THR B 52 13.12 -26.22 -19.41
N PRO B 53 12.79 -25.54 -18.29
CA PRO B 53 11.38 -25.25 -17.96
C PRO B 53 10.62 -24.56 -19.08
N LEU B 54 11.23 -23.57 -19.71
CA LEU B 54 10.63 -22.88 -20.86
C LEU B 54 10.47 -23.81 -22.05
N ALA B 55 11.43 -24.72 -22.23
CA ALA B 55 11.33 -25.74 -23.28
C ALA B 55 10.09 -26.60 -23.09
N GLU B 56 9.86 -27.07 -21.86
CA GLU B 56 8.72 -27.94 -21.59
C GLU B 56 7.40 -27.19 -21.36
N ALA B 57 7.45 -25.85 -21.48
CA ALA B 57 6.25 -25.02 -21.55
C ALA B 57 5.85 -24.73 -23.00
N GLY B 58 6.71 -25.10 -23.96
CA GLY B 58 6.43 -24.93 -25.39
C GLY B 58 7.17 -23.81 -26.08
N ALA B 59 8.17 -23.23 -25.42
CA ALA B 59 8.98 -22.17 -26.01
C ALA B 59 10.02 -22.78 -26.93
N THR B 60 10.41 -22.04 -27.97
CA THR B 60 11.54 -22.44 -28.81
C THR B 60 12.82 -21.96 -28.13
N LEU B 61 13.86 -22.79 -28.18
CA LEU B 61 15.11 -22.48 -27.50
C LEU B 61 16.15 -22.00 -28.50
N ALA B 62 16.59 -20.75 -28.34
CA ALA B 62 17.63 -20.19 -29.18
C ALA B 62 19.00 -20.73 -28.77
N ASP B 63 19.92 -20.72 -29.72
CA ASP B 63 21.29 -21.18 -29.49
C ASP B 63 22.16 -20.05 -28.98
N SER B 64 21.70 -18.81 -29.20
CA SER B 64 22.49 -17.63 -28.88
C SER B 64 21.62 -16.37 -28.90
N VAL B 65 22.17 -15.27 -28.40
CA VAL B 65 21.49 -13.97 -28.49
C VAL B 65 21.29 -13.57 -29.96
N ALA B 66 22.28 -13.88 -30.79
CA ALA B 66 22.21 -13.58 -32.22
C ALA B 66 21.08 -14.33 -32.92
N ASP B 67 20.80 -15.54 -32.44
CA ASP B 67 19.70 -16.36 -32.95
C ASP B 67 18.35 -15.69 -32.66
N VAL B 68 18.23 -15.13 -31.45
CA VAL B 68 16.98 -14.49 -31.00
C VAL B 68 16.63 -13.26 -31.84
N ALA B 69 17.64 -12.64 -32.45
CA ALA B 69 17.45 -11.44 -33.27
C ALA B 69 16.50 -11.60 -34.46
N ALA B 70 16.17 -12.84 -34.84
CA ALA B 70 15.23 -13.10 -35.94
C ALA B 70 13.79 -12.66 -35.61
N ALA B 71 13.45 -12.57 -34.32
CA ALA B 71 12.10 -12.25 -33.88
C ALA B 71 11.71 -10.80 -34.17
N ASP B 72 10.40 -10.54 -34.22
CA ASP B 72 9.86 -9.21 -34.49
C ASP B 72 9.92 -8.31 -33.26
N LEU B 73 9.66 -8.90 -32.09
CA LEU B 73 9.62 -8.16 -30.83
C LEU B 73 10.43 -8.92 -29.79
N ILE B 74 11.55 -8.32 -29.37
CA ILE B 74 12.53 -8.99 -28.53
C ILE B 74 12.54 -8.37 -27.14
N HIS B 75 12.22 -9.18 -26.14
CA HIS B 75 12.15 -8.73 -24.76
C HIS B 75 13.46 -9.01 -24.03
N ILE B 76 13.93 -8.04 -23.24
CA ILE B 76 15.18 -8.18 -22.49
C ILE B 76 14.97 -7.89 -21.01
N THR B 77 15.27 -8.88 -20.16
CA THR B 77 15.26 -8.73 -18.71
C THR B 77 16.54 -9.35 -18.16
N VAL B 78 17.53 -8.50 -17.86
CA VAL B 78 18.82 -8.96 -17.35
C VAL B 78 19.22 -8.13 -16.12
N LEU B 79 20.45 -8.29 -15.63
CA LEU B 79 20.84 -7.80 -14.32
C LEU B 79 20.92 -6.28 -14.18
N ASP B 80 21.56 -5.61 -15.14
CA ASP B 80 21.92 -4.20 -15.01
C ASP B 80 22.13 -3.52 -16.36
N ASP B 81 22.39 -2.20 -16.36
CA ASP B 81 22.63 -1.43 -17.59
C ASP B 81 23.68 -2.07 -18.49
N ALA B 82 24.85 -2.32 -17.91
CA ALA B 82 25.99 -2.85 -18.65
C ALA B 82 25.60 -4.05 -19.50
N GLN B 83 24.85 -4.97 -18.90
CA GLN B 83 24.38 -6.17 -19.59
C GLN B 83 23.30 -5.87 -20.64
N VAL B 84 22.42 -4.90 -20.36
CA VAL B 84 21.43 -4.48 -21.34
C VAL B 84 22.12 -3.93 -22.59
N ARG B 85 23.07 -3.02 -22.38
CA ARG B 85 23.86 -2.44 -23.47
C ARG B 85 24.52 -3.52 -24.34
N GLU B 86 25.06 -4.57 -23.70
CA GLU B 86 25.73 -5.64 -24.43
C GLU B 86 24.79 -6.49 -25.28
N VAL B 87 23.68 -6.92 -24.69
CA VAL B 87 22.71 -7.77 -25.41
C VAL B 87 22.16 -7.04 -26.64
N VAL B 88 21.76 -5.77 -26.48
CA VAL B 88 21.22 -5.01 -27.60
C VAL B 88 22.30 -4.77 -28.65
N GLY B 89 23.54 -4.53 -28.19
CA GLY B 89 24.69 -4.41 -29.08
C GLY B 89 24.94 -5.66 -29.90
N GLU B 90 24.71 -6.82 -29.30
CA GLU B 90 24.81 -8.12 -29.99
C GLU B 90 23.64 -8.31 -30.95
N LEU B 91 22.43 -7.98 -30.49
CA LEU B 91 21.22 -8.05 -31.32
C LEU B 91 21.26 -7.10 -32.52
N ALA B 92 21.90 -5.95 -32.34
CA ALA B 92 21.88 -4.87 -33.35
C ALA B 92 22.50 -5.27 -34.69
N GLY B 93 23.47 -6.18 -34.65
CA GLY B 93 24.12 -6.68 -35.87
C GLY B 93 23.38 -7.80 -36.59
N HIS B 94 22.28 -8.29 -36.01
CA HIS B 94 21.53 -9.43 -36.57
C HIS B 94 20.04 -9.19 -36.80
N ALA B 95 19.44 -8.22 -36.12
CA ALA B 95 18.00 -7.98 -36.22
C ALA B 95 17.63 -7.30 -37.54
N LYS B 96 16.52 -7.72 -38.14
CA LYS B 96 16.05 -7.13 -39.40
C LYS B 96 15.47 -5.73 -39.14
N PRO B 97 15.55 -4.83 -40.13
CA PRO B 97 14.96 -3.50 -39.98
C PRO B 97 13.50 -3.56 -39.54
N GLY B 98 13.10 -2.66 -38.65
CA GLY B 98 11.73 -2.65 -38.11
C GLY B 98 11.54 -3.46 -36.84
N THR B 99 12.57 -4.21 -36.44
CA THR B 99 12.53 -4.98 -35.19
C THR B 99 12.36 -4.05 -33.99
N VAL B 100 11.60 -4.51 -32.99
CA VAL B 100 11.44 -3.77 -31.74
C VAL B 100 12.14 -4.51 -30.60
N ILE B 101 12.87 -3.76 -29.78
CA ILE B 101 13.51 -4.31 -28.59
C ILE B 101 12.89 -3.65 -27.36
N ALA B 102 12.32 -4.47 -26.48
CA ALA B 102 11.69 -3.98 -25.25
C ALA B 102 12.54 -4.34 -24.03
N ILE B 103 12.98 -3.31 -23.29
CA ILE B 103 13.80 -3.51 -22.10
C ILE B 103 12.95 -3.42 -20.83
N HIS B 104 12.93 -4.49 -20.05
CA HIS B 104 12.07 -4.59 -18.86
C HIS B 104 12.83 -4.48 -17.53
N SER B 105 14.14 -4.68 -17.54
CA SER B 105 14.93 -4.63 -16.30
C SER B 105 15.45 -3.22 -16.06
N THR B 106 16.06 -3.03 -14.89
CA THR B 106 16.48 -1.69 -14.46
C THR B 106 17.57 -1.10 -15.36
N ILE B 107 17.29 0.11 -15.83
CA ILE B 107 18.26 0.92 -16.56
C ILE B 107 18.14 2.38 -16.09
N SER B 108 19.18 3.17 -16.34
CA SER B 108 19.11 4.61 -16.15
C SER B 108 18.20 5.17 -17.25
N ASP B 109 17.58 6.33 -17.02
CA ASP B 109 16.66 6.87 -18.04
C ASP B 109 17.37 7.34 -19.31
N THR B 110 18.64 7.76 -19.19
CA THR B 110 19.43 8.13 -20.36
C THR B 110 19.86 6.92 -21.21
N THR B 111 19.92 5.74 -20.61
CA THR B 111 20.31 4.53 -21.34
C THR B 111 19.33 4.22 -22.47
N ALA B 112 18.04 4.35 -22.19
CA ALA B 112 17.00 4.08 -23.19
C ALA B 112 17.10 5.04 -24.37
N VAL B 113 17.29 6.31 -24.07
CA VAL B 113 17.46 7.35 -25.09
C VAL B 113 18.69 7.08 -25.96
N GLU B 114 19.81 6.74 -25.32
CA GLU B 114 21.07 6.48 -26.02
C GLU B 114 20.97 5.34 -27.03
N LEU B 115 20.46 4.19 -26.58
CA LEU B 115 20.32 3.02 -27.44
C LEU B 115 19.34 3.31 -28.57
N ALA B 116 18.30 4.09 -28.28
CA ALA B 116 17.35 4.52 -29.32
C ALA B 116 18.06 5.29 -30.42
N ARG B 117 18.91 6.24 -30.02
CA ARG B 117 19.70 7.03 -30.98
C ARG B 117 20.76 6.18 -31.68
N ASP B 118 21.42 5.31 -30.92
CA ASP B 118 22.39 4.36 -31.47
C ASP B 118 21.82 3.53 -32.62
N LEU B 119 20.59 3.04 -32.42
CA LEU B 119 20.00 2.04 -33.31
C LEU B 119 19.08 2.61 -34.39
N LYS B 120 18.85 3.93 -34.38
CA LYS B 120 18.02 4.57 -35.41
C LYS B 120 18.56 4.22 -36.80
N ALA B 121 19.87 4.17 -36.91
CA ALA B 121 20.56 3.77 -38.13
C ALA B 121 19.99 2.51 -38.78
N ARG B 122 19.82 1.47 -37.96
CA ARG B 122 19.49 0.13 -38.46
C ARG B 122 17.97 -0.01 -38.60
N ASP B 123 17.26 1.08 -38.35
CA ASP B 123 15.81 1.07 -38.21
C ASP B 123 15.36 0.01 -37.21
N ILE B 124 16.09 -0.09 -36.10
CA ILE B 124 15.69 -0.94 -34.97
C ILE B 124 15.13 -0.03 -33.89
N HIS B 125 13.98 -0.40 -33.36
CA HIS B 125 13.25 0.40 -32.40
C HIS B 125 13.52 -0.06 -30.97
N ILE B 126 13.83 0.90 -30.09
CA ILE B 126 14.01 0.64 -28.66
C ILE B 126 12.81 1.14 -27.89
N VAL B 127 12.39 0.34 -26.91
CA VAL B 127 11.33 0.69 -25.99
C VAL B 127 11.78 0.34 -24.56
N ASP B 128 11.66 1.28 -23.63
CA ASP B 128 11.86 0.96 -22.21
C ASP B 128 10.49 0.68 -21.61
N ALA B 129 10.32 -0.53 -21.10
CA ALA B 129 9.03 -1.01 -20.63
C ALA B 129 9.20 -1.72 -19.29
N PRO B 130 9.68 -1.00 -18.26
CA PRO B 130 9.76 -1.60 -16.93
C PRO B 130 8.41 -2.11 -16.46
N VAL B 131 8.44 -3.13 -15.60
CA VAL B 131 7.24 -3.80 -15.12
C VAL B 131 7.13 -3.76 -13.59
N SER B 132 5.93 -4.12 -13.12
CA SER B 132 5.52 -4.05 -11.71
C SER B 132 4.16 -4.77 -11.66
N GLY B 133 3.80 -5.50 -10.61
CA GLY B 133 4.68 -6.02 -9.57
C GLY B 133 4.42 -7.49 -9.31
N GLY B 134 5.45 -8.30 -9.50
CA GLY B 134 5.48 -9.65 -8.96
C GLY B 134 5.60 -10.76 -9.98
N ALA B 135 6.31 -11.82 -9.57
CA ALA B 135 6.49 -13.02 -10.37
C ALA B 135 5.17 -13.74 -10.62
N ALA B 136 4.28 -13.72 -9.62
CA ALA B 136 2.97 -14.38 -9.75
C ALA B 136 2.12 -13.69 -10.80
N ALA B 137 2.05 -12.36 -10.72
CA ALA B 137 1.39 -11.55 -11.75
C ALA B 137 1.97 -11.81 -13.13
N ALA B 138 3.28 -12.00 -13.19
CA ALA B 138 4.00 -12.24 -14.45
C ALA B 138 3.55 -13.53 -15.12
N ALA B 139 3.40 -14.59 -14.33
CA ALA B 139 2.93 -15.87 -14.85
C ALA B 139 1.48 -15.82 -15.35
N ARG B 140 0.66 -14.97 -14.71
CA ARG B 140 -0.78 -14.87 -15.01
C ARG B 140 -1.11 -13.87 -16.12
N GLY B 141 -0.12 -13.11 -16.57
CA GLY B 141 -0.33 -12.07 -17.56
C GLY B 141 -1.08 -10.87 -17.00
N GLU B 142 -0.81 -10.55 -15.73
CA GLU B 142 -1.49 -9.45 -15.03
C GLU B 142 -0.56 -8.32 -14.61
N LEU B 143 0.64 -8.27 -15.20
CA LEU B 143 1.60 -7.21 -14.88
C LEU B 143 1.08 -5.82 -15.25
N ALA B 144 1.67 -4.82 -14.59
CA ALA B 144 1.63 -3.46 -15.08
C ALA B 144 2.94 -3.22 -15.82
N THR B 145 2.88 -2.49 -16.93
CA THR B 145 4.09 -2.03 -17.61
C THR B 145 3.95 -0.58 -18.04
N MET B 146 5.06 0.16 -17.92
CA MET B 146 5.10 1.59 -18.20
C MET B 146 6.08 1.79 -19.33
N VAL B 147 5.56 2.20 -20.49
CA VAL B 147 6.29 2.06 -21.75
C VAL B 147 6.71 3.40 -22.34
N GLY B 148 8.01 3.58 -22.52
CA GLY B 148 8.54 4.71 -23.29
C GLY B 148 8.74 4.25 -24.73
N ALA B 149 8.05 4.89 -25.67
CA ALA B 149 8.09 4.46 -27.06
C ALA B 149 7.56 5.52 -28.01
N ASP B 150 8.04 5.49 -29.25
CA ASP B 150 7.46 6.31 -30.31
C ASP B 150 6.05 5.79 -30.59
N ARG B 151 5.15 6.70 -30.95
CA ARG B 151 3.71 6.39 -31.05
C ARG B 151 3.43 5.18 -31.93
N GLU B 152 4.05 5.15 -33.11
CA GLU B 152 3.81 4.07 -34.06
C GLU B 152 4.26 2.69 -33.55
N VAL B 153 5.39 2.64 -32.84
CA VAL B 153 5.90 1.35 -32.36
C VAL B 153 5.11 0.90 -31.13
N TYR B 154 4.59 1.86 -30.36
CA TYR B 154 3.69 1.54 -29.26
C TYR B 154 2.45 0.84 -29.77
N GLU B 155 1.86 1.36 -30.85
CA GLU B 155 0.63 0.80 -31.41
C GLU B 155 0.85 -0.58 -32.01
N ARG B 156 2.04 -0.79 -32.57
CA ARG B 156 2.41 -2.08 -33.14
C ARG B 156 2.50 -3.17 -32.09
N ILE B 157 3.03 -2.82 -30.92
CA ILE B 157 3.35 -3.83 -29.89
C ILE B 157 2.29 -3.96 -28.80
N LYS B 158 1.34 -3.02 -28.76
CA LYS B 158 0.36 -2.98 -27.67
C LYS B 158 -0.47 -4.26 -27.55
N PRO B 159 -0.94 -4.83 -28.69
CA PRO B 159 -1.64 -6.11 -28.58
C PRO B 159 -0.78 -7.21 -27.95
N ALA B 160 0.51 -7.23 -28.27
CA ALA B 160 1.44 -8.21 -27.69
C ALA B 160 1.59 -8.00 -26.18
N PHE B 161 1.78 -6.74 -25.78
CA PHE B 161 1.92 -6.37 -24.38
C PHE B 161 0.66 -6.70 -23.57
N LYS B 162 -0.51 -6.46 -24.17
CA LYS B 162 -1.78 -6.75 -23.51
C LYS B 162 -1.96 -8.21 -23.11
N HIS B 163 -1.25 -9.11 -23.80
CA HIS B 163 -1.31 -10.54 -23.50
C HIS B 163 -0.70 -10.89 -22.14
N TRP B 164 0.38 -10.20 -21.76
CA TRP B 164 1.09 -10.48 -20.50
C TRP B 164 0.99 -9.35 -19.47
N ALA B 165 0.41 -8.22 -19.87
CA ALA B 165 0.22 -7.08 -18.97
C ALA B 165 -1.23 -6.65 -18.98
N ALA B 166 -1.86 -6.65 -17.80
CA ALA B 166 -3.23 -6.19 -17.64
C ALA B 166 -3.33 -4.65 -17.66
N VAL B 167 -2.22 -3.98 -17.34
CA VAL B 167 -2.14 -2.52 -17.37
C VAL B 167 -0.95 -2.07 -18.20
N VAL B 168 -1.22 -1.46 -19.35
CA VAL B 168 -0.17 -0.98 -20.25
C VAL B 168 -0.27 0.54 -20.39
N ILE B 169 0.69 1.24 -19.81
CA ILE B 169 0.74 2.69 -19.87
C ILE B 169 1.73 3.13 -20.93
N HIS B 170 1.30 4.04 -21.80
CA HIS B 170 2.20 4.74 -22.71
C HIS B 170 2.65 6.00 -22.00
N ALA B 171 3.78 5.88 -21.31
CA ALA B 171 4.28 6.95 -20.44
C ALA B 171 4.79 8.12 -21.24
N GLY B 172 5.22 7.87 -22.47
CA GLY B 172 5.76 8.90 -23.35
C GLY B 172 6.75 8.33 -24.35
N GLU B 173 7.71 9.17 -24.75
CA GLU B 173 8.80 8.76 -25.63
C GLU B 173 9.77 7.84 -24.89
N PRO B 174 10.76 7.26 -25.59
CA PRO B 174 11.74 6.43 -24.89
C PRO B 174 12.45 7.16 -23.75
N GLY B 175 12.47 6.52 -22.59
CA GLY B 175 12.98 7.11 -21.35
C GLY B 175 11.86 7.40 -20.35
N ALA B 176 10.67 7.66 -20.87
CA ALA B 176 9.51 8.01 -20.04
C ALA B 176 9.02 6.83 -19.19
N GLY B 177 9.14 5.62 -19.73
CA GLY B 177 8.81 4.42 -18.98
C GLY B 177 9.68 4.30 -17.74
N THR B 178 10.99 4.44 -17.94
CA THR B 178 11.96 4.37 -16.85
C THR B 178 11.60 5.36 -15.76
N ARG B 179 11.34 6.60 -16.17
CA ARG B 179 11.05 7.67 -15.23
C ARG B 179 9.76 7.47 -14.44
N MET B 180 8.71 6.93 -15.08
CA MET B 180 7.50 6.58 -14.32
C MET B 180 7.83 5.47 -13.32
N LYS B 181 8.66 4.52 -13.73
CA LYS B 181 9.09 3.43 -12.85
C LYS B 181 9.87 3.93 -11.64
N LEU B 182 10.75 4.92 -11.86
CA LEU B 182 11.52 5.51 -10.77
C LEU B 182 10.60 6.18 -9.74
N ALA B 183 9.57 6.88 -10.22
CA ALA B 183 8.60 7.49 -9.33
C ALA B 183 7.83 6.41 -8.57
N ARG B 184 7.42 5.37 -9.29
CA ARG B 184 6.63 4.30 -8.70
C ARG B 184 7.42 3.55 -7.62
N ASN B 185 8.66 3.20 -7.92
CA ASN B 185 9.49 2.44 -6.97
C ASN B 185 10.06 3.30 -5.84
N MET B 186 10.19 4.60 -6.06
CA MET B 186 10.51 5.51 -4.96
C MET B 186 9.45 5.36 -3.86
N LEU B 187 8.18 5.33 -4.28
CA LEU B 187 7.08 5.11 -3.34
C LEU B 187 7.13 3.73 -2.69
N THR B 188 7.44 2.71 -3.48
CA THR B 188 7.53 1.35 -2.95
C THR B 188 8.50 1.30 -1.78
N PHE B 189 9.71 1.80 -1.99
CA PHE B 189 10.80 1.65 -1.04
C PHE B 189 10.78 2.67 0.08
N THR B 190 10.25 3.86 -0.18
CA THR B 190 9.98 4.82 0.88
C THR B 190 8.90 4.26 1.81
N SER B 191 7.90 3.58 1.24
CA SER B 191 6.83 3.00 2.05
C SER B 191 7.28 1.76 2.83
N TYR B 192 8.20 0.97 2.27
CA TYR B 192 8.84 -0.11 3.04
C TYR B 192 9.65 0.46 4.21
N ALA B 193 10.42 1.51 3.96
CA ALA B 193 11.13 2.24 5.02
C ALA B 193 10.17 2.63 6.15
N ALA B 194 9.04 3.21 5.76
CA ALA B 194 8.02 3.62 6.74
C ALA B 194 7.41 2.44 7.47
N ALA B 195 7.24 1.31 6.78
CA ALA B 195 6.70 0.10 7.40
C ALA B 195 7.63 -0.37 8.52
N CYS B 196 8.93 -0.39 8.23
CA CYS B 196 9.93 -0.80 9.22
C CYS B 196 9.95 0.11 10.44
N GLU B 197 9.81 1.42 10.21
CA GLU B 197 9.70 2.38 11.29
C GLU B 197 8.45 2.10 12.15
N ALA B 198 7.34 1.78 11.49
CA ALA B 198 6.11 1.39 12.19
C ALA B 198 6.31 0.13 13.02
N MET B 199 7.02 -0.84 12.46
CA MET B 199 7.35 -2.09 13.17
C MET B 199 8.22 -1.82 14.40
N LYS B 200 9.12 -0.85 14.29
CA LYS B 200 9.99 -0.49 15.41
C LYS B 200 9.16 0.11 16.55
N LEU B 201 8.21 0.96 16.19
CA LEU B 201 7.30 1.56 17.16
C LEU B 201 6.43 0.51 17.85
N ALA B 202 5.81 -0.36 17.05
CA ALA B 202 4.92 -1.39 17.55
C ALA B 202 5.62 -2.27 18.58
N GLU B 203 6.87 -2.63 18.28
CA GLU B 203 7.64 -3.51 19.15
C GLU B 203 8.05 -2.83 20.45
N ALA B 204 8.49 -1.58 20.37
CA ALA B 204 8.84 -0.81 21.57
C ALA B 204 7.62 -0.63 22.48
N ALA B 205 6.44 -0.55 21.87
CA ALA B 205 5.16 -0.46 22.58
C ALA B 205 4.62 -1.83 23.06
N GLY B 206 5.37 -2.91 22.81
CA GLY B 206 4.99 -4.24 23.29
C GLY B 206 3.92 -4.94 22.47
N LEU B 207 3.80 -4.57 21.20
CA LEU B 207 2.76 -5.13 20.34
C LEU B 207 3.29 -6.28 19.49
N ASP B 208 2.36 -7.10 19.00
CA ASP B 208 2.67 -8.26 18.18
C ASP B 208 2.81 -7.84 16.71
N LEU B 209 3.99 -8.04 16.14
CA LEU B 209 4.28 -7.64 14.77
C LEU B 209 3.52 -8.48 13.72
N GLN B 210 3.37 -9.77 13.98
CA GLN B 210 2.61 -10.64 13.07
C GLN B 210 1.20 -10.08 12.84
N ALA B 211 0.54 -9.70 13.94
CA ALA B 211 -0.82 -9.15 13.89
C ALA B 211 -0.86 -7.81 13.16
N LEU B 212 0.13 -6.95 13.44
CA LEU B 212 0.23 -5.65 12.78
C LEU B 212 0.30 -5.80 11.27
N GLY B 213 1.12 -6.74 10.82
CA GLY B 213 1.26 -7.03 9.39
C GLY B 213 -0.04 -7.52 8.78
N ARG B 214 -0.74 -8.42 9.48
CA ARG B 214 -2.02 -8.94 8.99
C ARG B 214 -3.03 -7.80 8.82
N VAL B 215 -3.07 -6.87 9.78
CA VAL B 215 -3.98 -5.73 9.68
C VAL B 215 -3.63 -4.83 8.51
N VAL B 216 -2.33 -4.54 8.35
CA VAL B 216 -1.86 -3.69 7.26
C VAL B 216 -2.27 -4.24 5.90
N ARG B 217 -1.94 -5.51 5.66
CA ARG B 217 -2.22 -6.15 4.38
C ARG B 217 -3.72 -6.28 4.12
N HIS B 218 -4.49 -6.62 5.15
CA HIS B 218 -5.93 -6.75 4.99
C HIS B 218 -6.57 -5.42 4.62
N THR B 219 -6.22 -4.37 5.36
CA THR B 219 -6.85 -3.07 5.17
C THR B 219 -6.40 -2.39 3.87
N ASP B 220 -5.17 -2.63 3.45
CA ASP B 220 -4.69 -2.12 2.17
C ASP B 220 -5.35 -2.81 0.97
N ALA B 221 -5.76 -4.06 1.12
CA ALA B 221 -6.60 -4.71 0.11
C ALA B 221 -7.92 -3.97 -0.04
N LEU B 222 -8.48 -3.52 1.08
CA LEU B 222 -9.76 -2.82 1.09
C LEU B 222 -9.67 -1.40 0.54
N THR B 223 -8.72 -0.61 1.06
CA THR B 223 -8.64 0.82 0.74
C THR B 223 -7.89 1.12 -0.56
N GLY B 224 -7.06 0.18 -1.01
CA GLY B 224 -6.26 0.37 -2.21
C GLY B 224 -4.79 0.68 -1.94
N GLY B 225 -4.47 1.11 -0.73
CA GLY B 225 -3.10 1.43 -0.34
C GLY B 225 -2.75 2.89 -0.60
N PRO B 226 -1.45 3.22 -0.55
CA PRO B 226 -0.98 4.61 -0.79
C PRO B 226 -1.46 5.18 -2.11
N GLY B 227 -1.66 4.33 -3.11
CA GLY B 227 -2.18 4.72 -4.40
C GLY B 227 -3.54 5.39 -4.34
N ALA B 228 -4.31 5.10 -3.28
CA ALA B 228 -5.63 5.69 -3.10
C ALA B 228 -5.61 7.22 -3.10
N ILE B 229 -4.49 7.81 -2.67
CA ILE B 229 -4.37 9.26 -2.60
C ILE B 229 -3.89 9.87 -3.93
N MET B 230 -3.50 9.02 -4.88
CA MET B 230 -2.92 9.47 -6.14
C MET B 230 -4.03 9.58 -7.19
N VAL B 231 -4.89 10.57 -7.01
CA VAL B 231 -6.07 10.76 -7.85
C VAL B 231 -6.19 12.21 -8.31
N ARG B 232 -5.05 12.85 -8.54
CA ARG B 232 -4.99 14.25 -9.00
C ARG B 232 -4.26 14.39 -10.34
N ASP B 233 -4.76 15.29 -11.18
CA ASP B 233 -4.16 15.58 -12.49
C ASP B 233 -2.83 16.32 -12.37
N ASN B 234 -2.73 17.19 -11.37
CA ASN B 234 -1.56 18.03 -11.16
C ASN B 234 -1.39 18.32 -9.67
N MET B 235 -0.30 18.96 -9.29
CA MET B 235 -0.01 19.20 -7.87
C MET B 235 -0.39 20.60 -7.37
N LYS B 236 -1.34 21.24 -8.05
CA LYS B 236 -1.88 22.52 -7.58
C LYS B 236 -2.68 22.32 -6.31
N ASP B 237 -2.74 23.37 -5.50
CA ASP B 237 -3.55 23.34 -4.28
C ASP B 237 -5.02 23.20 -4.65
N LEU B 238 -5.76 22.47 -3.83
CA LEU B 238 -7.18 22.25 -4.05
C LEU B 238 -7.99 23.47 -3.61
N GLU B 239 -8.78 24.01 -4.53
CA GLU B 239 -9.71 25.07 -4.20
C GLU B 239 -10.91 24.48 -3.46
N PRO B 240 -11.62 25.31 -2.67
CA PRO B 240 -12.74 24.83 -1.85
C PRO B 240 -13.87 24.09 -2.59
N ASP B 241 -14.05 24.36 -3.88
CA ASP B 241 -15.09 23.70 -4.66
C ASP B 241 -14.59 22.48 -5.43
N ASN B 242 -13.29 22.20 -5.34
CA ASN B 242 -12.74 20.97 -5.91
C ASN B 242 -13.42 19.78 -5.25
N PHE B 243 -13.85 18.81 -6.04
CA PHE B 243 -14.54 17.62 -5.51
C PHE B 243 -13.69 16.87 -4.48
N LEU B 244 -12.37 16.98 -4.57
CA LEU B 244 -11.48 16.34 -3.61
C LEU B 244 -11.18 17.20 -2.38
N TYR B 245 -11.67 18.44 -2.33
CA TYR B 245 -11.29 19.36 -1.26
C TYR B 245 -11.70 18.90 0.14
N GLN B 246 -12.99 18.65 0.34
CA GLN B 246 -13.46 18.24 1.67
C GLN B 246 -12.92 16.87 2.08
N PRO B 247 -12.87 15.89 1.16
CA PRO B 247 -12.24 14.62 1.49
C PRO B 247 -10.76 14.73 1.89
N PHE B 248 -9.98 15.51 1.15
CA PHE B 248 -8.56 15.67 1.45
C PHE B 248 -8.33 16.47 2.73
N LEU B 249 -9.18 17.45 2.98
CA LEU B 249 -9.12 18.23 4.21
C LEU B 249 -9.39 17.31 5.40
N HIS B 250 -10.41 16.47 5.28
CA HIS B 250 -10.71 15.44 6.29
C HIS B 250 -9.51 14.50 6.48
N THR B 251 -8.88 14.09 5.38
CA THR B 251 -7.67 13.25 5.44
C THR B 251 -6.49 13.97 6.12
N ARG B 252 -6.34 15.27 5.85
CA ARG B 252 -5.32 16.07 6.53
C ARG B 252 -5.55 16.09 8.04
N GLY B 253 -6.81 16.28 8.45
CA GLY B 253 -7.18 16.29 9.86
C GLY B 253 -6.87 14.97 10.56
N LEU B 254 -7.36 13.88 9.97
CA LEU B 254 -7.08 12.54 10.48
C LEU B 254 -5.57 12.25 10.56
N GLY B 255 -4.87 12.60 9.49
CA GLY B 255 -3.44 12.30 9.38
C GLY B 255 -2.59 13.02 10.39
N GLU B 256 -2.81 14.33 10.52
CA GLU B 256 -2.07 15.14 11.47
C GLU B 256 -2.36 14.73 12.91
N LYS B 257 -3.60 14.34 13.18
CA LYS B 257 -3.96 13.86 14.52
C LYS B 257 -3.29 12.52 14.83
N ASP B 258 -3.39 11.55 13.91
CA ASP B 258 -2.77 10.24 14.13
C ASP B 258 -1.24 10.32 14.16
N LEU B 259 -0.65 11.11 13.27
CA LEU B 259 0.81 11.28 13.24
C LEU B 259 1.32 11.92 14.53
N SER B 260 0.62 12.95 15.02
CA SER B 260 1.01 13.60 16.27
C SER B 260 0.93 12.63 17.45
N LEU B 261 -0.15 11.87 17.51
CA LEU B 261 -0.30 10.83 18.53
C LEU B 261 0.79 9.78 18.41
N ALA B 262 1.09 9.37 17.18
CA ALA B 262 2.15 8.39 16.94
C ALA B 262 3.51 8.92 17.38
N LEU B 263 3.77 10.20 17.11
CA LEU B 263 5.02 10.83 17.50
C LEU B 263 5.17 10.94 19.03
N ALA B 264 4.05 11.18 19.71
CA ALA B 264 4.02 11.25 21.17
C ALA B 264 4.26 9.88 21.77
N LEU B 265 3.63 8.85 21.20
CA LEU B 265 3.86 7.47 21.63
C LEU B 265 5.34 7.10 21.47
N GLY B 266 5.94 7.57 20.37
CA GLY B 266 7.35 7.30 20.10
C GLY B 266 8.29 7.94 21.11
N GLU B 267 7.92 9.14 21.56
CA GLU B 267 8.64 9.79 22.65
C GLU B 267 8.51 8.99 23.94
N ALA B 268 7.33 8.43 24.17
CA ALA B 268 7.03 7.67 25.38
C ALA B 268 7.77 6.34 25.45
N VAL B 269 7.96 5.67 24.30
CA VAL B 269 8.66 4.38 24.28
C VAL B 269 10.08 4.49 23.72
N SER B 270 10.63 5.71 23.69
CA SER B 270 12.03 5.95 23.32
C SER B 270 12.39 5.38 21.94
N VAL B 271 11.61 5.76 20.95
CA VAL B 271 11.88 5.40 19.56
C VAL B 271 11.90 6.67 18.71
N ASP B 272 12.90 6.76 17.84
CA ASP B 272 13.06 7.87 16.90
C ASP B 272 12.21 7.56 15.67
N LEU B 273 11.33 8.48 15.30
CA LEU B 273 10.41 8.29 14.17
C LEU B 273 10.60 9.39 13.12
N PRO B 274 11.79 9.44 12.49
CA PRO B 274 12.12 10.55 11.59
C PRO B 274 11.27 10.63 10.30
N LEU B 275 10.94 9.49 9.69
CA LEU B 275 10.06 9.52 8.52
C LEU B 275 8.69 10.08 8.88
N ALA B 276 8.17 9.67 10.04
CA ALA B 276 6.88 10.16 10.53
C ALA B 276 6.89 11.66 10.85
N ARG B 277 7.99 12.16 11.41
CA ARG B 277 8.13 13.58 11.70
C ARG B 277 8.06 14.39 10.39
N LEU B 278 8.80 13.96 9.39
CA LEU B 278 8.81 14.61 8.08
C LEU B 278 7.44 14.53 7.41
N ALA B 279 6.78 13.38 7.53
CA ALA B 279 5.43 13.20 7.00
C ALA B 279 4.46 14.18 7.66
N TYR B 280 4.54 14.27 8.99
CA TYR B 280 3.70 15.18 9.77
C TYR B 280 3.83 16.64 9.32
N GLU B 281 5.06 17.09 9.09
CA GLU B 281 5.31 18.48 8.68
C GLU B 281 4.84 18.80 7.25
N GLY B 282 4.93 17.82 6.36
CA GLY B 282 4.70 18.05 4.93
C GLY B 282 3.41 17.52 4.34
N LEU B 283 2.65 16.73 5.11
CA LEU B 283 1.45 16.06 4.59
C LEU B 283 0.47 17.04 3.99
N ALA B 284 0.11 18.05 4.78
CA ALA B 284 -0.87 19.06 4.36
C ALA B 284 -0.51 19.66 3.01
N ALA B 285 0.74 20.07 2.85
CA ALA B 285 1.23 20.64 1.59
C ALA B 285 1.19 19.63 0.46
N GLY B 286 1.64 18.40 0.75
CA GLY B 286 1.62 17.32 -0.24
C GLY B 286 0.22 17.03 -0.76
N LEU B 287 -0.76 17.04 0.13
CA LEU B 287 -2.17 16.84 -0.24
C LEU B 287 -2.80 18.02 -1.01
N GLY B 288 -2.10 19.13 -1.11
CA GLY B 288 -2.64 20.32 -1.76
C GLY B 288 -3.67 21.05 -0.93
N VAL B 289 -3.67 20.80 0.38
CA VAL B 289 -4.49 21.56 1.32
C VAL B 289 -3.60 22.05 2.48
N PRO B 290 -2.66 22.96 2.16
CA PRO B 290 -1.77 23.52 3.18
C PRO B 290 -2.53 24.38 4.18
N HIS B 291 -1.91 24.63 5.33
CA HIS B 291 -2.50 25.51 6.34
C HIS B 291 -2.30 26.98 5.96
N LYS B 292 -3.26 27.81 6.34
CA LYS B 292 -3.28 29.23 5.94
C LYS B 292 -2.69 30.13 7.03
#